data_5CU1
#
_entry.id   5CU1
#
_cell.length_a   62.582
_cell.length_b   69.878
_cell.length_c   49.731
_cell.angle_alpha   90.00
_cell.angle_beta   90.00
_cell.angle_gamma   90.00
#
_symmetry.space_group_name_H-M   'P 21 21 2'
#
loop_
_entity.id
_entity.type
_entity.pdbx_description
1 polymer 'DMSP lyase'
2 non-polymer 'FE (III) ION'
3 water water
#
_entity_poly.entity_id   1
_entity_poly.type   'polypeptide(L)'
_entity_poly.pdbx_seq_one_letter_code
;MSHHHHHHSGSMTQTDPAFQNLLAEFQALHAREPALAGFVALPDSLTPQPVTPVRIPPAALMESDPDLTTTAYAAIRDAF
IAAGAVAQWRLTYQGSRLGADFMDRFACYCLIGEGGPFASDSLAAYVVYMPAGLYYPFHQHPAEEIYFILAGEAEFLMEG
HPPRRLGPGDHVFHPSGHPHATRTYDRPFMALVLWRGDLETAPVLTYPEGEI
;
_entity_poly.pdbx_strand_id   A
#
# COMPACT_ATOMS: atom_id res chain seq x y z
N THR A 15 6.98 17.71 7.87
CA THR A 15 8.46 17.97 7.69
C THR A 15 9.25 17.67 6.46
N ASP A 16 9.75 16.51 6.08
CA ASP A 16 10.56 16.35 4.90
C ASP A 16 9.80 16.72 3.81
N PRO A 17 10.34 17.72 2.99
CA PRO A 17 9.43 18.10 1.87
C PRO A 17 9.04 16.96 0.88
N ALA A 18 9.76 15.87 0.71
CA ALA A 18 9.27 14.74 0.01
C ALA A 18 7.81 14.38 0.58
N PHE A 19 7.62 14.21 1.87
CA PHE A 19 6.41 13.90 2.52
C PHE A 19 5.35 14.91 2.43
N GLN A 20 5.72 16.17 2.48
CA GLN A 20 4.94 17.30 2.17
C GLN A 20 4.28 17.21 0.85
N ASN A 21 4.97 17.18 -0.28
CA ASN A 21 4.40 16.95 -1.52
C ASN A 21 3.46 15.76 -1.68
N LEU A 22 3.77 14.65 -1.01
CA LEU A 22 3.03 13.40 -0.97
C LEU A 22 1.67 13.50 -0.35
N LEU A 23 1.56 14.01 0.80
CA LEU A 23 0.35 14.37 1.38
C LEU A 23 -0.71 15.18 0.55
N ALA A 24 -0.26 16.24 -0.01
CA ALA A 24 -0.83 17.01 -0.98
C ALA A 24 -1.23 16.39 -2.27
N GLU A 25 -0.48 15.39 -2.72
CA GLU A 25 -0.96 14.57 -3.75
C GLU A 25 -2.02 13.54 -3.34
N PHE A 26 -1.93 13.02 -2.13
CA PHE A 26 -2.91 12.24 -1.47
C PHE A 26 -4.29 12.90 -1.29
N GLN A 27 -4.30 14.08 -0.70
CA GLN A 27 -5.42 14.91 -0.34
C GLN A 27 -6.28 15.28 -1.53
N ALA A 28 -5.61 15.62 -2.61
CA ALA A 28 -6.18 15.88 -3.89
C ALA A 28 -6.66 14.78 -4.58
N LEU A 29 -6.22 13.58 -4.47
CA LEU A 29 -6.84 12.42 -5.13
C LEU A 29 -7.91 11.79 -4.48
N HIS A 30 -7.94 11.97 -3.25
CA HIS A 30 -8.91 11.59 -2.38
C HIS A 30 -10.15 12.31 -2.72
N ALA A 31 -10.03 13.56 -2.75
CA ALA A 31 -10.94 14.35 -3.29
C ALA A 31 -11.44 14.11 -4.69
N ARG A 32 -10.68 13.75 -5.66
CA ARG A 32 -11.14 13.45 -6.97
C ARG A 32 -11.76 12.11 -7.28
N GLU A 33 -11.61 11.24 -6.35
CA GLU A 33 -11.92 9.89 -6.43
C GLU A 33 -12.94 9.42 -5.47
N PRO A 34 -14.14 9.12 -5.91
CA PRO A 34 -15.26 8.76 -5.04
C PRO A 34 -15.15 7.55 -4.16
N ALA A 35 -14.40 6.58 -4.59
CA ALA A 35 -14.19 5.37 -3.87
C ALA A 35 -13.26 5.65 -2.66
N LEU A 36 -12.41 6.57 -2.74
CA LEU A 36 -11.62 7.05 -1.65
C LEU A 36 -12.33 7.90 -0.62
N ALA A 37 -12.97 8.89 -1.12
CA ALA A 37 -13.77 9.86 -0.44
C ALA A 37 -15.00 9.28 0.17
N GLY A 38 -15.62 8.33 -0.45
CA GLY A 38 -16.53 7.42 0.15
C GLY A 38 -16.15 6.51 1.26
N PHE A 39 -14.92 6.10 1.32
CA PHE A 39 -14.40 5.25 2.37
C PHE A 39 -14.11 5.87 3.68
N VAL A 40 -13.66 7.02 3.64
CA VAL A 40 -13.12 7.83 4.66
C VAL A 40 -13.05 9.36 4.26
N ALA A 41 -13.43 10.17 5.15
CA ALA A 41 -13.17 11.55 5.17
C ALA A 41 -11.88 11.88 5.66
N LEU A 42 -11.30 12.78 4.95
CA LEU A 42 -10.01 13.33 5.18
C LEU A 42 -10.20 14.35 6.22
N PRO A 43 -9.33 14.19 7.33
CA PRO A 43 -9.66 15.07 8.44
C PRO A 43 -9.11 16.35 8.32
N ASP A 44 -8.09 16.50 7.55
CA ASP A 44 -7.50 17.74 7.08
C ASP A 44 -6.35 18.70 7.87
N SER A 45 -5.66 18.05 8.76
CA SER A 45 -5.81 17.99 10.13
C SER A 45 -5.10 16.81 10.61
N LEU A 46 -3.85 16.71 10.22
CA LEU A 46 -3.05 15.58 10.67
C LEU A 46 -1.76 16.02 11.48
N THR A 47 -1.60 15.57 12.64
CA THR A 47 -0.45 15.82 13.48
C THR A 47 0.84 15.26 13.02
N PRO A 48 1.91 16.05 12.85
CA PRO A 48 3.19 15.54 12.33
C PRO A 48 3.99 14.73 13.26
N GLN A 49 4.82 13.73 12.88
CA GLN A 49 5.47 12.90 13.69
C GLN A 49 6.64 12.54 12.99
N PRO A 50 7.76 12.46 13.80
CA PRO A 50 8.95 11.97 13.12
C PRO A 50 9.01 10.46 12.53
N VAL A 51 9.70 10.22 11.44
CA VAL A 51 9.89 8.98 10.84
C VAL A 51 11.30 8.68 10.94
N THR A 52 11.70 7.65 11.59
CA THR A 52 12.92 6.95 11.34
C THR A 52 13.08 6.18 10.03
N PRO A 53 13.93 6.74 9.03
CA PRO A 53 14.15 5.90 7.85
C PRO A 53 14.79 4.48 8.00
N VAL A 54 14.20 3.56 7.23
CA VAL A 54 14.62 2.30 7.00
C VAL A 54 14.57 2.06 5.53
N ARG A 55 15.72 1.71 4.93
CA ARG A 55 15.86 1.26 3.55
C ARG A 55 15.96 -0.18 3.47
N ILE A 56 15.26 -0.68 2.46
CA ILE A 56 15.15 -2.02 1.97
C ILE A 56 15.25 -2.11 0.52
N PRO A 57 15.71 -3.19 -0.01
CA PRO A 57 15.83 -3.42 -1.44
C PRO A 57 14.61 -3.20 -2.35
N PRO A 58 13.40 -3.61 -1.71
CA PRO A 58 12.22 -3.25 -2.42
C PRO A 58 12.04 -1.88 -2.86
N ALA A 59 12.52 -0.90 -2.14
CA ALA A 59 12.55 0.54 -2.41
C ALA A 59 13.31 0.87 -3.63
N ALA A 60 14.48 0.37 -3.76
CA ALA A 60 15.23 0.25 -4.97
C ALA A 60 14.49 -0.25 -6.12
N LEU A 61 13.86 -1.36 -6.00
CA LEU A 61 12.91 -1.85 -6.94
C LEU A 61 11.83 -0.91 -7.43
N MET A 62 11.13 -0.27 -6.59
CA MET A 62 10.14 0.71 -6.85
C MET A 62 10.63 1.89 -7.56
N GLU A 63 11.75 2.43 -7.14
CA GLU A 63 12.37 3.46 -7.79
C GLU A 63 12.94 3.24 -9.24
N SER A 64 13.45 2.12 -9.40
CA SER A 64 13.84 1.56 -10.56
C SER A 64 12.89 1.06 -11.63
N ASP A 65 11.78 0.45 -11.29
CA ASP A 65 10.80 -0.17 -12.19
C ASP A 65 10.34 0.71 -13.40
N PRO A 66 10.63 0.12 -14.62
CA PRO A 66 10.31 0.92 -15.80
C PRO A 66 8.87 0.83 -16.34
N ASP A 67 8.03 0.07 -15.67
CA ASP A 67 6.86 -0.47 -16.07
C ASP A 67 5.73 -0.25 -15.13
N LEU A 68 5.86 0.72 -14.31
CA LEU A 68 4.78 1.29 -13.49
C LEU A 68 4.00 2.48 -14.21
N THR A 69 3.45 2.14 -15.33
CA THR A 69 2.37 2.63 -16.22
C THR A 69 1.09 3.18 -15.66
N THR A 70 0.74 4.33 -16.01
CA THR A 70 -0.51 4.91 -15.62
C THR A 70 -1.38 5.68 -16.70
N THR A 71 -2.56 6.04 -16.26
CA THR A 71 -3.51 6.94 -16.88
C THR A 71 -3.46 8.28 -16.28
N ALA A 72 -4.03 8.41 -15.15
CA ALA A 72 -4.26 9.61 -14.49
C ALA A 72 -3.54 9.92 -13.22
N TYR A 73 -2.55 9.19 -12.79
CA TYR A 73 -2.01 9.00 -11.47
C TYR A 73 -0.48 9.03 -11.34
N ALA A 74 0.20 9.60 -12.28
CA ALA A 74 1.61 9.89 -12.27
C ALA A 74 2.11 10.74 -11.28
N ALA A 75 1.41 11.72 -10.83
CA ALA A 75 1.93 12.57 -9.76
C ALA A 75 2.25 11.97 -8.43
N ILE A 76 1.31 11.18 -8.00
CA ILE A 76 1.27 10.51 -6.75
C ILE A 76 2.13 9.39 -6.71
N ARG A 77 2.13 8.64 -7.72
CA ARG A 77 3.07 7.73 -8.01
C ARG A 77 4.53 8.20 -7.85
N ASP A 78 4.92 9.26 -8.50
CA ASP A 78 6.18 9.91 -8.45
C ASP A 78 6.55 10.40 -7.11
N ALA A 79 5.59 10.94 -6.47
CA ALA A 79 5.60 11.26 -5.13
C ALA A 79 5.77 10.16 -4.12
N PHE A 80 5.16 9.05 -4.29
CA PHE A 80 5.41 7.84 -3.62
C PHE A 80 6.98 7.36 -3.70
N ILE A 81 7.52 7.38 -4.86
CA ILE A 81 8.83 7.24 -5.16
C ILE A 81 9.78 8.19 -4.56
N ALA A 82 9.59 9.45 -4.71
CA ALA A 82 10.31 10.47 -4.07
C ALA A 82 10.45 10.46 -2.56
N ALA A 83 9.45 10.10 -1.83
CA ALA A 83 9.48 9.95 -0.40
C ALA A 83 9.88 8.69 0.10
N GLY A 84 10.08 7.76 -0.78
CA GLY A 84 10.72 6.59 -0.62
C GLY A 84 12.11 6.62 0.00
N ALA A 85 12.79 7.66 -0.28
CA ALA A 85 14.07 7.96 0.24
C ALA A 85 14.12 8.29 1.68
N VAL A 86 13.07 8.80 2.12
CA VAL A 86 12.89 9.11 3.43
C VAL A 86 12.02 8.26 4.26
N ALA A 87 11.27 7.37 3.65
CA ALA A 87 10.41 6.36 4.32
C ALA A 87 10.97 5.36 5.27
N GLN A 88 10.15 5.08 6.23
CA GLN A 88 10.16 3.89 6.99
C GLN A 88 9.53 2.63 6.32
N TRP A 89 10.34 1.94 5.60
CA TRP A 89 10.04 0.74 4.94
C TRP A 89 9.87 -0.25 5.89
N ARG A 90 8.80 -0.93 5.74
CA ARG A 90 8.34 -1.97 6.54
C ARG A 90 8.75 -3.32 6.18
N LEU A 91 8.77 -4.08 7.22
CA LEU A 91 9.10 -5.45 7.21
C LEU A 91 8.19 -6.32 7.99
N THR A 92 6.94 -6.32 7.67
CA THR A 92 5.96 -7.19 8.04
C THR A 92 6.29 -8.59 7.53
N TYR A 93 5.98 -9.59 8.28
CA TYR A 93 6.15 -10.96 7.86
C TYR A 93 7.49 -11.49 8.01
N GLN A 94 8.34 -10.78 8.61
CA GLN A 94 9.66 -11.03 9.05
C GLN A 94 10.04 -12.33 9.45
N GLY A 95 9.47 -12.86 10.44
CA GLY A 95 9.87 -14.11 10.94
C GLY A 95 9.00 -15.22 10.64
N SER A 96 8.37 -15.15 9.51
CA SER A 96 7.55 -16.13 8.90
C SER A 96 8.21 -17.13 7.95
N ARG A 97 7.34 -17.82 7.26
CA ARG A 97 7.51 -18.76 6.28
C ARG A 97 7.97 -18.20 4.97
N LEU A 98 7.87 -16.95 4.79
CA LEU A 98 8.33 -16.20 3.72
C LEU A 98 9.77 -15.76 3.73
N GLY A 99 10.35 -16.09 2.67
CA GLY A 99 11.74 -15.97 2.39
C GLY A 99 12.10 -14.77 1.73
N ALA A 100 13.31 -14.54 1.65
CA ALA A 100 13.80 -13.44 0.97
C ALA A 100 13.38 -13.12 -0.35
N ASP A 101 12.98 -14.07 -1.10
CA ASP A 101 12.15 -13.99 -2.21
C ASP A 101 10.98 -13.06 -2.09
N PHE A 102 10.31 -13.13 -1.00
CA PHE A 102 9.31 -12.24 -0.59
C PHE A 102 9.77 -11.00 0.03
N MET A 103 10.45 -11.11 1.14
CA MET A 103 10.97 -10.09 1.85
C MET A 103 11.75 -8.97 1.16
N ASP A 104 12.50 -9.21 0.13
CA ASP A 104 13.23 -8.39 -0.69
C ASP A 104 12.57 -7.85 -2.00
N ARG A 105 11.34 -8.07 -2.14
CA ARG A 105 10.45 -7.72 -3.18
C ARG A 105 9.15 -6.96 -2.80
N PHE A 106 8.58 -7.37 -1.72
CA PHE A 106 7.51 -6.75 -1.06
C PHE A 106 7.89 -5.48 -0.29
N ALA A 107 7.40 -4.43 -0.90
CA ALA A 107 7.40 -3.02 -0.68
C ALA A 107 6.14 -2.29 -0.16
N CYS A 108 6.32 -1.87 1.04
CA CYS A 108 5.46 -1.11 1.83
C CYS A 108 6.01 -0.13 2.75
N TYR A 109 5.56 1.07 2.72
CA TYR A 109 5.63 2.08 3.76
C TYR A 109 4.25 2.76 4.06
N CYS A 110 3.98 3.15 5.30
CA CYS A 110 3.11 4.22 5.90
C CYS A 110 3.30 5.68 5.46
N LEU A 111 2.27 6.31 5.01
CA LEU A 111 2.09 7.70 5.03
C LEU A 111 1.24 8.25 6.21
N ILE A 112 0.07 7.73 6.54
CA ILE A 112 -0.76 8.09 7.62
C ILE A 112 -0.90 6.97 8.65
N GLY A 113 -0.32 7.05 9.79
CA GLY A 113 -0.36 6.16 10.86
C GLY A 113 0.96 5.85 11.39
N GLU A 114 1.00 4.78 12.09
CA GLU A 114 2.17 4.18 12.70
C GLU A 114 3.33 3.96 11.74
N GLY A 115 4.41 4.70 11.98
CA GLY A 115 5.59 4.61 11.13
C GLY A 115 5.54 5.58 9.97
N GLY A 116 4.51 6.42 9.93
CA GLY A 116 4.39 7.43 8.89
C GLY A 116 4.61 8.84 9.41
N PRO A 117 4.82 9.79 8.47
CA PRO A 117 5.04 11.19 8.87
C PRO A 117 3.84 11.89 9.52
N PHE A 118 2.62 11.38 9.47
CA PHE A 118 1.40 11.95 9.97
C PHE A 118 0.63 11.04 10.79
N ALA A 119 0.00 11.53 11.81
CA ALA A 119 -0.73 10.72 12.67
C ALA A 119 -2.21 10.91 12.55
N SER A 120 -3.05 9.94 12.86
CA SER A 120 -4.55 9.95 12.74
C SER A 120 -5.19 8.87 13.49
N ASP A 121 -6.28 9.08 14.17
CA ASP A 121 -7.18 8.04 14.66
C ASP A 121 -8.34 7.57 13.79
N SER A 122 -8.43 8.05 12.66
CA SER A 122 -9.48 7.75 11.89
C SER A 122 -9.14 6.87 10.58
N LEU A 123 -8.02 7.05 10.04
CA LEU A 123 -7.42 6.41 8.94
C LEU A 123 -5.93 6.06 9.08
N ALA A 124 -5.44 5.15 8.29
CA ALA A 124 -4.12 5.04 7.75
C ALA A 124 -4.04 4.91 6.25
N ALA A 125 -2.95 5.30 5.75
CA ALA A 125 -2.59 5.26 4.43
C ALA A 125 -1.21 4.76 4.30
N TYR A 126 -1.06 3.99 3.24
CA TYR A 126 0.03 3.20 2.71
C TYR A 126 0.16 3.16 1.09
N VAL A 127 1.34 2.76 0.66
CA VAL A 127 1.80 2.33 -0.67
C VAL A 127 2.23 0.95 -0.60
N VAL A 128 1.82 0.15 -1.55
CA VAL A 128 2.26 -1.17 -1.94
C VAL A 128 2.70 -1.17 -3.30
N TYR A 129 3.90 -1.54 -3.38
CA TYR A 129 4.62 -2.07 -4.54
C TYR A 129 4.93 -3.46 -4.48
N MET A 130 4.66 -4.04 -5.54
CA MET A 130 5.09 -5.26 -5.97
C MET A 130 5.61 -5.36 -7.38
N PRO A 131 6.83 -5.99 -7.40
CA PRO A 131 7.33 -6.32 -8.70
C PRO A 131 6.57 -7.44 -9.39
N ALA A 132 6.75 -7.63 -10.65
CA ALA A 132 6.39 -8.75 -11.40
C ALA A 132 7.04 -10.03 -10.88
N GLY A 133 6.29 -11.08 -11.16
CA GLY A 133 6.49 -12.39 -10.67
C GLY A 133 6.57 -12.55 -9.23
N LEU A 134 5.59 -12.10 -8.51
CA LEU A 134 5.42 -12.19 -7.11
C LEU A 134 4.06 -12.65 -6.61
N TYR A 135 4.01 -13.48 -5.67
CA TYR A 135 2.92 -13.79 -4.92
C TYR A 135 2.88 -13.31 -3.44
N TYR A 136 2.01 -12.35 -3.21
CA TYR A 136 1.52 -11.91 -1.93
C TYR A 136 0.44 -12.93 -1.43
N PRO A 137 0.92 -13.83 -0.44
CA PRO A 137 -0.01 -14.85 0.02
C PRO A 137 -1.22 -14.34 0.84
N PHE A 138 -2.27 -15.09 0.92
CA PHE A 138 -3.48 -14.78 1.70
C PHE A 138 -3.28 -14.20 3.14
N HIS A 139 -3.74 -13.07 3.41
CA HIS A 139 -3.47 -12.24 4.53
C HIS A 139 -4.67 -11.50 5.02
N GLN A 140 -4.62 -11.00 6.21
CA GLN A 140 -5.70 -10.54 6.90
C GLN A 140 -5.39 -9.66 8.11
N HIS A 141 -6.34 -8.83 8.41
CA HIS A 141 -6.41 -7.85 9.41
C HIS A 141 -7.75 -7.26 9.75
N PRO A 142 -7.95 -6.84 10.95
CA PRO A 142 -9.07 -6.07 11.47
C PRO A 142 -9.54 -4.77 10.87
N ALA A 143 -8.69 -3.88 10.36
CA ALA A 143 -9.05 -2.89 9.57
C ALA A 143 -9.81 -3.34 8.33
N GLU A 144 -10.81 -2.59 8.04
CA GLU A 144 -11.30 -2.39 6.76
C GLU A 144 -10.42 -1.66 5.85
N GLU A 145 -10.42 -2.16 4.66
CA GLU A 145 -9.53 -1.81 3.63
C GLU A 145 -10.01 -1.49 2.21
N ILE A 146 -9.50 -0.45 1.67
CA ILE A 146 -9.41 -0.17 0.27
C ILE A 146 -8.06 -0.19 -0.48
N TYR A 147 -7.92 -0.99 -1.49
CA TYR A 147 -6.92 -0.96 -2.53
C TYR A 147 -7.29 -0.21 -3.85
N PHE A 148 -6.77 0.91 -4.00
CA PHE A 148 -6.73 1.75 -5.16
C PHE A 148 -5.43 1.67 -5.91
N ILE A 149 -5.48 1.19 -7.04
CA ILE A 149 -4.39 0.99 -7.91
C ILE A 149 -3.92 2.30 -8.68
N LEU A 150 -2.68 2.62 -8.55
CA LEU A 150 -2.05 3.75 -9.15
C LEU A 150 -1.34 3.54 -10.49
N ALA A 151 -0.80 2.36 -10.71
CA ALA A 151 0.27 1.88 -11.57
C ALA A 151 0.43 0.44 -11.73
N GLY A 152 0.66 0.04 -12.93
CA GLY A 152 0.49 -1.25 -13.50
C GLY A 152 -0.77 -1.93 -13.40
N GLU A 153 -0.70 -3.08 -12.87
CA GLU A 153 -1.65 -4.09 -12.91
C GLU A 153 -1.31 -5.27 -12.12
N ALA A 154 -2.20 -5.93 -11.48
CA ALA A 154 -2.06 -7.16 -10.81
C ALA A 154 -3.35 -7.87 -10.63
N GLU A 155 -3.31 -9.12 -10.29
CA GLU A 155 -4.38 -9.88 -9.75
C GLU A 155 -4.65 -9.94 -8.23
N PHE A 156 -5.85 -9.67 -7.92
CA PHE A 156 -6.43 -9.61 -6.64
C PHE A 156 -7.24 -10.70 -6.30
N LEU A 157 -6.91 -11.33 -5.24
CA LEU A 157 -7.52 -12.49 -4.71
C LEU A 157 -8.25 -12.19 -3.39
N MET A 158 -9.32 -12.81 -3.21
CA MET A 158 -10.21 -12.68 -2.05
C MET A 158 -10.99 -13.91 -1.77
N GLU A 159 -10.75 -14.56 -0.70
CA GLU A 159 -11.52 -15.71 -0.30
C GLU A 159 -13.06 -15.66 -0.54
N GLY A 160 -13.47 -16.51 -1.41
CA GLY A 160 -14.83 -16.66 -1.78
C GLY A 160 -15.35 -15.78 -2.84
N HIS A 161 -14.58 -15.09 -3.64
CA HIS A 161 -15.02 -14.26 -4.66
C HIS A 161 -14.18 -14.59 -5.80
N PRO A 162 -14.73 -14.50 -7.07
CA PRO A 162 -13.81 -14.49 -8.20
C PRO A 162 -12.87 -13.36 -8.26
N PRO A 163 -11.63 -13.84 -8.64
CA PRO A 163 -10.61 -12.86 -8.92
C PRO A 163 -10.84 -11.77 -9.93
N ARG A 164 -10.17 -10.65 -9.67
CA ARG A 164 -10.19 -9.42 -10.35
C ARG A 164 -8.77 -9.03 -10.70
N ARG A 165 -8.51 -8.85 -11.95
CA ARG A 165 -7.48 -8.11 -12.56
C ARG A 165 -7.62 -6.61 -12.49
N LEU A 166 -6.71 -6.01 -11.84
CA LEU A 166 -6.74 -4.63 -11.44
C LEU A 166 -5.73 -3.72 -12.00
N GLY A 167 -6.19 -2.88 -12.85
CA GLY A 167 -5.55 -1.77 -13.27
C GLY A 167 -5.70 -0.58 -12.51
N PRO A 168 -5.03 0.47 -13.14
CA PRO A 168 -5.23 1.80 -12.62
C PRO A 168 -6.54 2.61 -12.78
N GLY A 169 -6.79 3.40 -11.76
CA GLY A 169 -7.91 3.59 -10.93
C GLY A 169 -8.92 2.59 -10.57
N ASP A 170 -8.62 1.31 -10.67
CA ASP A 170 -9.41 0.20 -10.14
C ASP A 170 -9.24 0.11 -8.66
N HIS A 171 -10.19 -0.48 -8.00
CA HIS A 171 -10.24 -0.66 -6.56
C HIS A 171 -11.06 -1.86 -6.05
N VAL A 172 -10.57 -2.40 -5.02
CA VAL A 172 -11.10 -3.45 -4.24
C VAL A 172 -11.23 -3.17 -2.71
N PHE A 173 -12.38 -3.52 -2.23
CA PHE A 173 -12.74 -3.45 -0.84
C PHE A 173 -12.56 -4.77 -0.05
N HIS A 174 -11.97 -4.70 1.04
CA HIS A 174 -11.66 -5.79 1.96
C HIS A 174 -12.40 -5.65 3.21
N PRO A 175 -13.57 -6.41 3.31
CA PRO A 175 -14.15 -6.53 4.64
C PRO A 175 -13.18 -6.98 5.86
N SER A 176 -13.47 -6.69 7.09
CA SER A 176 -12.67 -7.01 8.20
C SER A 176 -12.34 -8.41 8.30
N GLY A 177 -11.09 -8.77 8.52
CA GLY A 177 -10.61 -10.09 8.61
C GLY A 177 -10.64 -10.96 7.41
N HIS A 178 -10.96 -10.42 6.31
CA HIS A 178 -11.24 -11.12 5.12
C HIS A 178 -9.98 -11.41 4.41
N PRO A 179 -9.73 -12.76 4.27
CA PRO A 179 -8.49 -13.09 3.55
C PRO A 179 -8.28 -12.57 2.07
N HIS A 180 -7.24 -11.86 1.81
CA HIS A 180 -6.98 -11.41 0.44
C HIS A 180 -5.52 -11.64 0.01
N ALA A 181 -5.30 -11.79 -1.30
CA ALA A 181 -3.96 -12.07 -1.84
C ALA A 181 -3.74 -11.31 -3.12
N THR A 182 -2.47 -11.12 -3.48
CA THR A 182 -2.14 -10.51 -4.76
C THR A 182 -1.08 -11.32 -5.46
N ARG A 183 -1.20 -11.41 -6.79
CA ARG A 183 -0.21 -12.06 -7.65
C ARG A 183 0.07 -11.16 -8.85
N THR A 184 1.34 -10.87 -9.07
CA THR A 184 1.75 -10.19 -10.30
C THR A 184 2.27 -11.22 -11.28
N TYR A 185 1.97 -11.01 -12.56
CA TYR A 185 2.50 -11.87 -13.60
C TYR A 185 3.71 -11.21 -14.26
N ASP A 186 3.50 -10.53 -15.37
CA ASP A 186 4.64 -9.87 -16.04
C ASP A 186 4.67 -8.36 -15.82
N ARG A 187 3.64 -7.85 -15.16
CA ARG A 187 3.54 -6.43 -14.79
C ARG A 187 3.72 -6.20 -13.30
N PRO A 188 4.31 -5.07 -12.91
CA PRO A 188 4.27 -4.61 -11.51
C PRO A 188 3.01 -3.81 -11.23
N PHE A 189 2.79 -3.45 -9.96
CA PHE A 189 1.79 -2.44 -9.63
C PHE A 189 2.22 -1.64 -8.42
N MET A 190 1.64 -0.45 -8.30
CA MET A 190 1.67 0.32 -7.07
C MET A 190 0.23 0.64 -6.70
N ALA A 191 -0.08 0.60 -5.41
CA ALA A 191 -1.42 0.97 -4.94
C ALA A 191 -1.37 1.87 -3.74
N LEU A 192 -2.39 2.70 -3.62
CA LEU A 192 -2.71 3.36 -2.37
C LEU A 192 -3.61 2.42 -1.61
N VAL A 193 -3.32 2.24 -0.32
CA VAL A 193 -4.10 1.41 0.58
C VAL A 193 -4.59 2.22 1.77
N LEU A 194 -5.91 2.33 1.95
CA LEU A 194 -6.51 3.04 3.08
C LEU A 194 -7.08 2.07 4.11
N TRP A 195 -6.87 2.39 5.39
CA TRP A 195 -7.41 1.62 6.52
C TRP A 195 -8.36 2.48 7.34
N ARG A 196 -9.38 1.83 7.90
CA ARG A 196 -10.29 2.49 8.80
C ARG A 196 -10.68 1.46 9.84
N GLY A 197 -11.02 1.92 11.04
CA GLY A 197 -11.38 1.04 12.11
C GLY A 197 -10.22 0.72 13.02
N ASP A 198 -9.98 -0.55 13.29
CA ASP A 198 -8.84 -0.98 14.10
C ASP A 198 -7.56 -0.84 13.29
N LEU A 199 -6.78 0.19 13.60
CA LEU A 199 -5.59 0.54 12.83
C LEU A 199 -4.34 -0.07 13.44
N GLU A 200 -4.47 -0.56 14.65
CA GLU A 200 -3.32 -0.94 15.45
C GLU A 200 -2.85 -2.37 15.18
N THR A 201 -3.77 -3.25 14.81
CA THR A 201 -3.47 -4.68 14.59
C THR A 201 -2.82 -4.93 13.22
N ALA A 202 -1.56 -5.40 13.23
CA ALA A 202 -0.84 -5.66 11.99
C ALA A 202 -1.43 -6.85 11.21
N PRO A 203 -1.36 -6.81 9.87
CA PRO A 203 -1.77 -7.97 9.04
C PRO A 203 -1.01 -9.26 9.39
N VAL A 204 -1.70 -10.39 9.31
CA VAL A 204 -1.06 -11.70 9.51
C VAL A 204 -1.38 -12.62 8.33
N LEU A 205 -0.52 -13.59 8.07
CA LEU A 205 -0.77 -14.57 7.03
C LEU A 205 -1.98 -15.43 7.40
N THR A 206 -2.87 -15.71 6.45
CA THR A 206 -4.03 -16.54 6.77
C THR A 206 -3.58 -17.98 6.99
N TYR A 207 -2.54 -18.38 6.27
CA TYR A 207 -2.00 -19.73 6.39
C TYR A 207 -0.51 -19.71 6.73
N PRO A 208 -0.18 -19.42 8.00
CA PRO A 208 1.22 -19.30 8.39
C PRO A 208 2.07 -20.55 8.11
N GLU A 209 1.44 -21.68 7.83
CA GLU A 209 2.17 -22.91 7.61
C GLU A 209 2.01 -23.47 6.21
N GLY A 210 0.92 -23.10 5.53
CA GLY A 210 0.60 -23.73 4.25
C GLY A 210 0.86 -22.88 3.03
N GLU A 211 0.03 -23.10 2.00
CA GLU A 211 -0.11 -22.22 0.83
C GLU A 211 1.20 -21.82 0.16
#